data_9EWR
#
_entry.id   9EWR
#
_cell.length_a   46.084
_cell.length_b   41.316
_cell.length_c   124.088
_cell.angle_alpha   90
_cell.angle_beta   99.815
_cell.angle_gamma   90
#
_symmetry.space_group_name_H-M   'P 1 21 1'
#
loop_
_entity.id
_entity.type
_entity.pdbx_description
1 polymer cutinase
2 water water
#
_entity_poly.entity_id   1
_entity_poly.type   'polypeptide(L)'
_entity_poly.pdbx_seq_one_letter_code
;MAEPAKVHGPKPTEESITKPRGPFEVNRRSVSRLKVKGFGGGTIYYPTNTTDGLFSAVSISPGFTGTQETMAWYGPRLAS
QGFVVFTIDTITTTDQPDSRARQLQASLKYLVNKSKVKDIIDPARLGVMGHSMGGGGSLKAALDNPKLKAAIPLTPWHTT
KDFRGVRTPTLIIGAQNDTVAPVSQHAEPFYKSLPDKPGKAYLELAGASHLAPNTDNTTIAKFSIAWLKRFLDDDTRYDR
FLCPPPRNNKSISDYRSTCPYKEHHHHHH
;
_entity_poly.pdbx_strand_id   A,B
#
# COMPACT_ATOMS: atom_id res chain seq x y z
N GLU A 3 2.32 16.68 19.99
CA GLU A 3 3.07 15.45 19.64
C GLU A 3 3.55 14.66 20.86
N PRO A 4 3.59 15.23 22.09
CA PRO A 4 3.73 14.35 23.25
C PRO A 4 2.64 13.28 23.27
N ALA A 5 2.99 12.12 23.79
CA ALA A 5 2.10 11.00 24.05
C ALA A 5 0.99 11.42 25.03
N LYS A 6 -0.07 10.59 25.08
CA LYS A 6 -1.16 10.79 26.03
C LYS A 6 -0.99 9.89 27.26
N VAL A 7 -1.48 10.34 28.40
CA VAL A 7 -1.64 9.46 29.55
C VAL A 7 -3.05 9.65 30.12
N HIS A 8 -4.02 9.30 29.32
CA HIS A 8 -5.39 9.44 29.80
C HIS A 8 -5.73 8.30 30.76
N GLY A 9 -6.41 8.70 31.85
CA GLY A 9 -6.89 7.70 32.79
C GLY A 9 -5.79 7.21 33.75
N PRO A 10 -6.19 6.42 34.76
CA PRO A 10 -5.28 5.97 35.79
C PRO A 10 -4.31 4.91 35.29
N LYS A 11 -3.21 4.75 36.02
CA LYS A 11 -2.27 3.68 35.69
C LYS A 11 -3.07 2.38 35.59
N PRO A 12 -2.97 1.62 34.48
CA PRO A 12 -3.83 0.45 34.27
C PRO A 12 -3.45 -0.76 35.10
N THR A 13 -4.45 -1.59 35.39
CA THR A 13 -4.30 -2.91 35.99
C THR A 13 -5.09 -3.91 35.16
N GLU A 14 -4.85 -5.21 35.39
CA GLU A 14 -5.68 -6.25 34.79
C GLU A 14 -7.16 -5.93 34.98
N GLU A 15 -7.49 -5.43 36.17
CA GLU A 15 -8.87 -5.15 36.50
C GLU A 15 -9.41 -3.97 35.69
N SER A 16 -8.61 -2.90 35.58
CA SER A 16 -9.11 -1.68 34.98
C SER A 16 -9.35 -1.90 33.48
N ILE A 17 -8.48 -2.71 32.86
CA ILE A 17 -8.53 -2.82 31.41
C ILE A 17 -9.61 -3.82 30.99
N THR A 18 -10.13 -4.63 31.94
CA THR A 18 -11.12 -5.64 31.60
C THR A 18 -12.54 -5.23 31.99
N LYS A 19 -12.70 -4.08 32.66
CA LYS A 19 -14.03 -3.59 33.03
C LYS A 19 -14.79 -3.11 31.79
N PRO A 20 -16.12 -3.39 31.68
CA PRO A 20 -16.91 -2.90 30.54
C PRO A 20 -16.89 -1.39 30.35
N ARG A 21 -16.80 -0.64 31.45
CA ARG A 21 -16.83 0.81 31.36
C ARG A 21 -15.60 1.36 32.07
N GLY A 22 -14.77 2.05 31.29
CA GLY A 22 -13.56 2.62 31.80
C GLY A 22 -13.87 3.91 32.54
N PRO A 23 -12.83 4.68 32.85
CA PRO A 23 -12.94 5.83 33.75
C PRO A 23 -13.65 7.05 33.18
N PHE A 24 -13.82 7.13 31.83
CA PHE A 24 -14.37 8.34 31.24
C PHE A 24 -15.86 8.17 31.04
N GLU A 25 -16.61 9.24 31.36
CA GLU A 25 -18.01 9.31 30.97
C GLU A 25 -18.16 9.34 29.45
N VAL A 26 -19.15 8.60 28.92
CA VAL A 26 -19.34 8.47 27.47
C VAL A 26 -20.58 9.27 27.00
N ASN A 27 -20.41 10.07 25.96
CA ASN A 27 -21.59 10.61 25.27
CA ASN A 27 -21.44 10.77 25.22
C ASN A 27 -21.56 10.16 23.82
N ARG A 28 -22.70 10.38 23.15
CA ARG A 28 -22.88 9.86 21.81
C ARG A 28 -23.59 10.89 20.94
N ARG A 29 -23.20 10.94 19.66
CA ARG A 29 -23.86 11.79 18.68
C ARG A 29 -24.04 10.98 17.41
N SER A 30 -25.21 11.09 16.78
CA SER A 30 -25.46 10.44 15.49
C SER A 30 -24.97 11.38 14.38
N VAL A 31 -24.45 10.74 13.33
CA VAL A 31 -24.12 11.42 12.08
C VAL A 31 -25.00 10.81 11.00
N SER A 32 -25.88 11.66 10.41
CA SER A 32 -26.80 11.20 9.40
C SER A 32 -26.08 10.75 8.14
N ARG A 33 -26.58 9.66 7.56
CA ARG A 33 -26.18 9.20 6.26
CA ARG A 33 -26.18 9.20 6.26
C ARG A 33 -26.36 10.31 5.22
N LEU A 34 -27.39 11.15 5.41
CA LEU A 34 -27.74 12.14 4.41
C LEU A 34 -26.86 13.38 4.49
N LYS A 35 -25.98 13.45 5.51
CA LYS A 35 -25.14 14.63 5.68
C LYS A 35 -23.69 14.39 5.29
N VAL A 36 -23.34 13.17 4.88
CA VAL A 36 -21.98 12.86 4.46
C VAL A 36 -22.07 12.09 3.14
N LYS A 37 -20.98 12.07 2.34
CA LYS A 37 -21.02 11.44 1.02
C LYS A 37 -20.05 10.25 0.92
N GLY A 38 -18.98 10.34 1.67
CA GLY A 38 -17.89 9.36 1.54
C GLY A 38 -18.09 8.06 2.35
N PHE A 39 -19.17 7.98 3.14
CA PHE A 39 -19.51 6.81 3.93
C PHE A 39 -21.00 6.97 4.28
N GLY A 40 -21.53 6.03 5.09
CA GLY A 40 -22.96 5.97 5.33
C GLY A 40 -23.41 6.55 6.67
N GLY A 41 -22.66 7.50 7.24
CA GLY A 41 -22.94 8.07 8.55
C GLY A 41 -22.46 7.13 9.65
N GLY A 42 -22.96 7.33 10.86
CA GLY A 42 -22.52 6.48 11.95
C GLY A 42 -22.84 7.13 13.29
N THR A 43 -22.23 6.59 14.33
CA THR A 43 -22.42 7.11 15.67
C THR A 43 -21.06 7.41 16.27
N ILE A 44 -20.89 8.60 16.84
CA ILE A 44 -19.64 9.01 17.47
C ILE A 44 -19.86 8.87 18.97
N TYR A 45 -18.97 8.09 19.59
CA TYR A 45 -18.93 7.97 21.02
C TYR A 45 -17.70 8.70 21.49
N TYR A 46 -17.81 9.50 22.56
CA TYR A 46 -16.70 10.36 22.93
C TYR A 46 -16.69 10.65 24.42
N PRO A 47 -15.50 10.89 25.02
CA PRO A 47 -15.42 11.11 26.44
C PRO A 47 -15.77 12.53 26.86
N THR A 48 -16.34 12.65 28.07
CA THR A 48 -16.23 13.89 28.85
C THR A 48 -14.79 14.10 29.30
N ASP A 52 -9.17 18.71 30.08
CA ASP A 52 -9.15 19.65 28.91
C ASP A 52 -7.99 19.29 27.97
N GLY A 53 -8.06 18.08 27.45
CA GLY A 53 -7.02 17.54 26.59
C GLY A 53 -7.60 17.23 25.21
N LEU A 54 -6.79 16.52 24.43
CA LEU A 54 -7.21 16.03 23.13
C LEU A 54 -7.15 14.51 23.16
N PHE A 55 -8.06 13.88 22.41
CA PHE A 55 -8.12 12.43 22.36
C PHE A 55 -7.82 11.92 20.97
N SER A 56 -7.14 10.79 20.93
CA SER A 56 -7.06 9.98 19.71
C SER A 56 -8.45 9.50 19.27
N ALA A 57 -8.54 9.20 17.96
CA ALA A 57 -9.83 8.82 17.37
C ALA A 57 -9.66 7.58 16.51
N VAL A 58 -10.70 6.71 16.54
CA VAL A 58 -10.70 5.47 15.79
C VAL A 58 -12.05 5.30 15.09
N SER A 59 -12.01 4.93 13.81
CA SER A 59 -13.21 4.60 13.06
CA SER A 59 -13.21 4.60 13.05
C SER A 59 -13.30 3.08 12.93
N ILE A 60 -14.53 2.56 12.98
CA ILE A 60 -14.78 1.13 13.01
C ILE A 60 -15.83 0.75 11.97
N SER A 61 -15.43 -0.12 11.06
CA SER A 61 -16.26 -0.56 9.94
C SER A 61 -16.93 -1.90 10.25
N PRO A 62 -18.20 -2.08 9.82
CA PRO A 62 -18.80 -3.41 9.85
C PRO A 62 -18.31 -4.24 8.66
N GLY A 63 -18.85 -5.47 8.54
CA GLY A 63 -18.57 -6.35 7.42
C GLY A 63 -19.70 -6.40 6.43
N PHE A 64 -19.53 -7.31 5.46
CA PHE A 64 -20.46 -7.42 4.34
C PHE A 64 -21.85 -7.77 4.88
N THR A 65 -22.87 -7.01 4.45
CA THR A 65 -24.27 -7.09 4.86
C THR A 65 -24.47 -6.64 6.32
N GLY A 66 -23.44 -6.02 6.91
CA GLY A 66 -23.54 -5.58 8.28
C GLY A 66 -23.73 -4.08 8.45
N THR A 67 -24.37 -3.71 9.55
CA THR A 67 -24.51 -2.29 9.89
C THR A 67 -23.77 -1.99 11.19
N GLN A 68 -23.77 -0.72 11.55
CA GLN A 68 -23.04 -0.29 12.73
C GLN A 68 -23.55 -1.02 13.98
N GLU A 69 -24.80 -1.53 13.97
CA GLU A 69 -25.29 -2.22 15.17
C GLU A 69 -24.39 -3.40 15.53
N THR A 70 -23.74 -4.00 14.53
CA THR A 70 -22.89 -5.17 14.77
C THR A 70 -21.63 -4.79 15.53
N MET A 71 -21.29 -3.49 15.51
CA MET A 71 -20.08 -2.98 16.16
C MET A 71 -20.38 -1.99 17.29
N ALA A 72 -21.64 -1.88 17.68
CA ALA A 72 -22.00 -0.81 18.60
C ALA A 72 -21.32 -0.95 19.95
N TRP A 73 -21.07 -2.19 20.41
CA TRP A 73 -20.54 -2.34 21.76
C TRP A 73 -19.12 -1.71 21.90
N TYR A 74 -18.40 -1.58 20.78
CA TYR A 74 -17.06 -1.01 20.87
C TYR A 74 -17.14 0.45 21.27
N GLY A 75 -18.27 1.14 20.96
CA GLY A 75 -18.37 2.57 21.17
C GLY A 75 -18.20 2.93 22.64
N PRO A 76 -19.08 2.45 23.54
CA PRO A 76 -18.90 2.73 24.95
C PRO A 76 -17.64 2.10 25.52
N ARG A 77 -17.35 0.89 25.08
CA ARG A 77 -16.26 0.13 25.71
C ARG A 77 -14.92 0.86 25.50
N LEU A 78 -14.71 1.40 24.28
CA LEU A 78 -13.46 2.07 23.98
C LEU A 78 -13.52 3.54 24.33
N ALA A 79 -14.67 4.22 24.10
CA ALA A 79 -14.72 5.66 24.36
C ALA A 79 -14.51 5.91 25.85
N SER A 80 -15.00 4.97 26.69
CA SER A 80 -14.88 5.08 28.15
C SER A 80 -13.44 4.95 28.61
N GLN A 81 -12.54 4.53 27.71
CA GLN A 81 -11.10 4.47 27.99
C GLN A 81 -10.38 5.70 27.43
N GLY A 82 -11.11 6.73 26.99
CA GLY A 82 -10.45 7.95 26.53
C GLY A 82 -10.15 7.98 25.03
N PHE A 83 -11.12 7.61 24.22
CA PHE A 83 -10.99 7.64 22.77
C PHE A 83 -12.26 8.22 22.18
N VAL A 84 -12.13 8.87 21.02
CA VAL A 84 -13.30 9.15 20.20
C VAL A 84 -13.47 7.98 19.24
N VAL A 85 -14.66 7.37 19.23
CA VAL A 85 -14.89 6.11 18.53
C VAL A 85 -16.06 6.30 17.58
N PHE A 86 -15.85 6.06 16.28
CA PHE A 86 -16.86 6.30 15.26
C PHE A 86 -17.27 4.97 14.66
N THR A 87 -18.45 4.49 15.04
CA THR A 87 -18.96 3.25 14.44
C THR A 87 -19.71 3.64 13.18
N ILE A 88 -19.12 3.36 12.02
CA ILE A 88 -19.71 3.85 10.77
C ILE A 88 -20.62 2.84 10.10
N ASP A 89 -21.55 3.37 9.29
CA ASP A 89 -22.20 2.59 8.25
C ASP A 89 -21.48 2.85 6.94
N THR A 90 -21.58 1.86 6.05
CA THR A 90 -21.06 2.03 4.69
C THR A 90 -22.16 2.56 3.78
N ILE A 91 -21.74 3.03 2.60
CA ILE A 91 -22.66 3.61 1.62
C ILE A 91 -23.71 2.55 1.31
N THR A 92 -23.31 1.32 1.01
CA THR A 92 -24.23 0.19 0.89
C THR A 92 -23.66 -0.95 1.73
N THR A 93 -24.50 -1.91 2.09
CA THR A 93 -24.04 -2.99 2.96
C THR A 93 -23.22 -4.01 2.15
N THR A 94 -23.25 -3.91 0.81
CA THR A 94 -22.49 -4.86 0.01
C THR A 94 -21.19 -4.27 -0.54
N ASP A 95 -20.76 -3.14 0.01
CA ASP A 95 -19.47 -2.55 -0.37
C ASP A 95 -18.32 -3.51 -0.10
N GLN A 96 -17.32 -3.45 -1.00
CA GLN A 96 -16.18 -4.37 -0.96
C GLN A 96 -15.08 -3.82 -0.06
N PRO A 97 -14.07 -4.64 0.31
CA PRO A 97 -13.06 -4.18 1.26
C PRO A 97 -12.31 -2.90 0.90
N ASP A 98 -11.87 -2.75 -0.37
CA ASP A 98 -11.10 -1.56 -0.71
C ASP A 98 -11.98 -0.30 -0.68
N SER A 99 -13.28 -0.44 -0.95
CA SER A 99 -14.22 0.67 -0.77
C SER A 99 -14.40 0.96 0.73
N ARG A 100 -14.52 -0.10 1.55
CA ARG A 100 -14.61 0.12 3.00
C ARG A 100 -13.38 0.88 3.56
N ALA A 101 -12.19 0.61 2.99
CA ALA A 101 -10.99 1.34 3.36
C ALA A 101 -11.16 2.85 3.13
N ARG A 102 -11.66 3.20 1.93
CA ARG A 102 -11.83 4.61 1.63
C ARG A 102 -12.90 5.22 2.52
N GLN A 103 -13.92 4.43 2.91
CA GLN A 103 -14.97 4.98 3.73
C GLN A 103 -14.48 5.19 5.16
N LEU A 104 -13.60 4.28 5.64
CA LEU A 104 -12.97 4.49 6.94
C LEU A 104 -12.19 5.80 6.93
N GLN A 105 -11.39 6.02 5.87
CA GLN A 105 -10.59 7.25 5.80
C GLN A 105 -11.49 8.48 5.65
N ALA A 106 -12.55 8.41 4.85
CA ALA A 106 -13.49 9.52 4.77
C ALA A 106 -14.14 9.88 6.10
N SER A 107 -14.44 8.82 6.87
CA SER A 107 -15.04 9.02 8.19
C SER A 107 -14.11 9.76 9.15
N LEU A 108 -12.79 9.45 9.06
CA LEU A 108 -11.79 10.12 9.88
C LEU A 108 -11.62 11.59 9.47
N LYS A 109 -11.62 11.80 8.15
CA LYS A 109 -11.54 13.18 7.68
C LYS A 109 -12.76 13.99 8.14
N TYR A 110 -13.95 13.36 8.09
CA TYR A 110 -15.15 14.04 8.58
C TYR A 110 -14.93 14.38 10.07
N LEU A 111 -14.52 13.37 10.87
CA LEU A 111 -14.33 13.59 12.30
C LEU A 111 -13.49 14.82 12.61
N VAL A 112 -12.33 14.93 11.92
CA VAL A 112 -11.37 15.96 12.26
C VAL A 112 -11.75 17.31 11.62
N ASN A 113 -12.40 17.30 10.46
CA ASN A 113 -12.62 18.57 9.75
C ASN A 113 -13.99 19.20 10.02
N LYS A 114 -15.00 18.35 10.22
CA LYS A 114 -16.40 18.76 10.16
C LYS A 114 -17.23 18.37 11.37
N SER A 115 -16.88 17.30 12.09
CA SER A 115 -17.83 16.79 13.06
C SER A 115 -18.02 17.75 14.25
N LYS A 116 -19.08 17.46 15.02
CA LYS A 116 -19.39 18.23 16.20
C LYS A 116 -18.39 17.98 17.33
N VAL A 117 -17.52 16.96 17.19
CA VAL A 117 -16.56 16.61 18.23
C VAL A 117 -15.13 16.95 17.79
N LYS A 118 -14.98 17.65 16.65
CA LYS A 118 -13.65 17.86 16.09
C LYS A 118 -12.74 18.64 17.05
N ASP A 119 -13.29 19.43 17.97
CA ASP A 119 -12.48 20.25 18.86
C ASP A 119 -11.72 19.43 19.90
N ILE A 120 -12.15 18.18 20.16
CA ILE A 120 -11.49 17.37 21.17
C ILE A 120 -10.61 16.28 20.56
N ILE A 121 -10.45 16.27 19.24
CA ILE A 121 -9.68 15.21 18.61
C ILE A 121 -8.28 15.69 18.29
N ASP A 122 -7.33 14.80 18.55
CA ASP A 122 -5.96 15.03 18.14
C ASP A 122 -5.85 14.53 16.69
N PRO A 123 -5.73 15.42 15.67
CA PRO A 123 -5.75 14.96 14.29
C PRO A 123 -4.52 14.16 13.91
N ALA A 124 -3.50 14.15 14.79
CA ALA A 124 -2.27 13.41 14.55
C ALA A 124 -2.39 11.95 14.95
N ARG A 125 -3.49 11.57 15.62
CA ARG A 125 -3.56 10.26 16.28
C ARG A 125 -4.86 9.57 15.88
N LEU A 126 -4.85 8.94 14.70
CA LEU A 126 -6.05 8.36 14.11
C LEU A 126 -5.83 6.88 13.80
N GLY A 127 -6.84 6.04 14.06
CA GLY A 127 -6.74 4.61 13.86
C GLY A 127 -7.98 4.05 13.17
N VAL A 128 -7.87 2.81 12.71
CA VAL A 128 -8.97 2.11 12.07
C VAL A 128 -9.15 0.72 12.66
N MET A 129 -10.38 0.28 12.66
CA MET A 129 -10.71 -1.08 13.05
C MET A 129 -11.83 -1.53 12.12
N GLY A 130 -12.05 -2.83 12.04
CA GLY A 130 -13.23 -3.25 11.30
C GLY A 130 -13.41 -4.76 11.37
N HIS A 131 -14.65 -5.20 11.13
CA HIS A 131 -14.99 -6.62 11.22
C HIS A 131 -15.07 -7.19 9.80
N SER A 132 -14.42 -8.34 9.56
CA SER A 132 -14.68 -9.15 8.37
C SER A 132 -14.22 -8.37 7.13
N MET A 133 -15.08 -8.08 6.12
CA MET A 133 -14.67 -7.20 5.03
C MET A 133 -14.22 -5.85 5.56
N GLY A 134 -14.81 -5.40 6.68
CA GLY A 134 -14.36 -4.13 7.28
C GLY A 134 -12.95 -4.24 7.85
N GLY A 135 -12.57 -5.46 8.26
CA GLY A 135 -11.20 -5.70 8.73
C GLY A 135 -10.21 -5.72 7.55
N GLY A 136 -10.62 -6.34 6.40
CA GLY A 136 -9.88 -6.14 5.17
C GLY A 136 -9.74 -4.65 4.83
N GLY A 137 -10.83 -3.90 5.00
CA GLY A 137 -10.82 -2.47 4.77
C GLY A 137 -9.82 -1.75 5.67
N SER A 138 -9.76 -2.17 6.94
CA SER A 138 -8.84 -1.48 7.82
C SER A 138 -7.39 -1.69 7.41
N LEU A 139 -7.07 -2.93 6.93
CA LEU A 139 -5.72 -3.20 6.44
C LEU A 139 -5.40 -2.33 5.22
N LYS A 140 -6.38 -2.23 4.29
CA LYS A 140 -6.11 -1.41 3.12
C LYS A 140 -6.06 0.09 3.48
N ALA A 141 -6.86 0.52 4.46
CA ALA A 141 -6.81 1.94 4.83
C ALA A 141 -5.44 2.26 5.39
N ALA A 142 -4.90 1.33 6.19
CA ALA A 142 -3.55 1.56 6.74
C ALA A 142 -2.47 1.52 5.65
N LEU A 143 -2.62 0.62 4.68
CA LEU A 143 -1.71 0.54 3.55
C LEU A 143 -1.66 1.88 2.82
N ASP A 144 -2.82 2.52 2.72
CA ASP A 144 -2.96 3.71 1.91
C ASP A 144 -2.73 5.04 2.60
N ASN A 145 -2.76 5.01 3.93
CA ASN A 145 -2.48 6.20 4.70
C ASN A 145 -1.53 5.79 5.82
N PRO A 146 -0.21 5.84 5.59
CA PRO A 146 0.76 5.51 6.62
C PRO A 146 0.82 6.43 7.83
N LYS A 147 0.04 7.51 7.80
CA LYS A 147 -0.05 8.38 8.97
C LYS A 147 -0.95 7.76 10.04
N LEU A 148 -1.77 6.78 9.67
CA LEU A 148 -2.63 6.13 10.67
C LEU A 148 -1.74 5.43 11.70
N LYS A 149 -2.07 5.56 12.99
CA LYS A 149 -1.19 5.11 14.05
C LYS A 149 -1.58 3.77 14.65
N ALA A 150 -2.72 3.22 14.27
CA ALA A 150 -3.06 1.86 14.75
C ALA A 150 -4.10 1.26 13.81
N ALA A 151 -4.07 -0.06 13.67
CA ALA A 151 -5.10 -0.80 12.95
C ALA A 151 -5.43 -2.06 13.74
N ILE A 152 -6.72 -2.38 13.84
CA ILE A 152 -7.15 -3.61 14.48
C ILE A 152 -8.17 -4.28 13.55
N PRO A 153 -7.69 -5.13 12.64
CA PRO A 153 -8.60 -5.92 11.79
C PRO A 153 -9.19 -7.10 12.60
N LEU A 154 -10.51 -7.14 12.71
CA LEU A 154 -11.21 -8.14 13.52
C LEU A 154 -11.78 -9.22 12.61
N THR A 155 -11.36 -10.48 12.81
CA THR A 155 -11.73 -11.58 11.93
C THR A 155 -11.73 -11.13 10.47
N PRO A 156 -10.62 -10.55 10.00
CA PRO A 156 -10.64 -9.86 8.70
C PRO A 156 -10.83 -10.81 7.52
N TRP A 157 -11.39 -10.24 6.46
CA TRP A 157 -11.55 -10.92 5.17
C TRP A 157 -11.10 -9.97 4.09
N HIS A 158 -10.26 -10.49 3.20
CA HIS A 158 -9.91 -9.75 1.99
C HIS A 158 -9.45 -10.76 0.94
N THR A 159 -9.57 -10.35 -0.35
CA THR A 159 -8.99 -11.11 -1.44
C THR A 159 -7.51 -10.78 -1.59
N THR A 160 -7.12 -9.53 -1.28
CA THR A 160 -5.70 -9.20 -1.23
C THR A 160 -5.12 -9.88 0.01
N LYS A 161 -3.96 -10.53 -0.13
CA LYS A 161 -3.44 -11.34 0.97
C LYS A 161 -2.15 -10.73 1.52
N ASP A 162 -1.48 -9.88 0.74
CA ASP A 162 -0.14 -9.43 1.05
C ASP A 162 -0.10 -7.96 1.48
N PHE A 163 0.01 -7.75 2.80
CA PHE A 163 -0.01 -6.43 3.43
C PHE A 163 1.37 -6.03 3.93
N ARG A 164 2.42 -6.50 3.24
CA ARG A 164 3.77 -6.13 3.65
C ARG A 164 4.01 -4.62 3.61
N GLY A 165 3.21 -3.83 2.87
CA GLY A 165 3.39 -2.39 2.80
C GLY A 165 2.76 -1.61 3.94
N VAL A 166 2.09 -2.30 4.89
CA VAL A 166 1.45 -1.58 5.99
C VAL A 166 2.47 -1.20 7.04
N ARG A 167 2.63 0.12 7.27
CA ARG A 167 3.61 0.75 8.14
C ARG A 167 3.00 1.15 9.49
N THR A 168 1.79 0.67 9.78
CA THR A 168 1.00 1.04 10.95
C THR A 168 1.04 -0.13 11.93
N PRO A 169 1.20 0.09 13.25
CA PRO A 169 1.09 -1.02 14.22
C PRO A 169 -0.27 -1.71 14.12
N THR A 170 -0.25 -3.01 13.87
CA THR A 170 -1.45 -3.77 13.55
C THR A 170 -1.63 -4.98 14.46
N LEU A 171 -2.79 -5.05 15.08
CA LEU A 171 -3.20 -6.23 15.85
C LEU A 171 -4.31 -6.91 15.06
N ILE A 172 -4.05 -8.10 14.53
CA ILE A 172 -5.10 -8.86 13.87
C ILE A 172 -5.69 -9.80 14.92
N ILE A 173 -7.03 -9.80 15.02
CA ILE A 173 -7.72 -10.72 15.92
C ILE A 173 -8.42 -11.76 15.07
N GLY A 174 -8.01 -13.02 15.20
CA GLY A 174 -8.66 -14.06 14.44
C GLY A 174 -9.60 -14.86 15.35
N ALA A 175 -10.43 -15.70 14.71
CA ALA A 175 -11.30 -16.61 15.45
C ALA A 175 -10.92 -18.03 15.03
N GLN A 176 -10.65 -18.86 16.04
CA GLN A 176 -10.06 -20.16 15.73
C GLN A 176 -10.93 -20.93 14.75
N ASN A 177 -12.25 -20.90 14.95
CA ASN A 177 -13.16 -21.80 14.23
C ASN A 177 -13.91 -21.00 13.17
N ASP A 178 -13.30 -19.91 12.69
CA ASP A 178 -13.96 -19.06 11.73
C ASP A 178 -14.10 -19.78 10.38
N THR A 179 -15.34 -19.88 9.89
CA THR A 179 -15.53 -20.52 8.60
C THR A 179 -15.83 -19.51 7.50
N VAL A 180 -16.06 -18.26 7.89
CA VAL A 180 -16.31 -17.22 6.90
C VAL A 180 -14.98 -16.69 6.37
N ALA A 181 -14.09 -16.32 7.30
CA ALA A 181 -12.76 -15.85 6.98
C ALA A 181 -11.74 -16.77 7.64
N PRO A 182 -11.62 -18.04 7.19
CA PRO A 182 -10.75 -18.97 7.89
C PRO A 182 -9.37 -18.39 8.08
N VAL A 183 -8.84 -18.52 9.29
CA VAL A 183 -7.60 -17.87 9.65
C VAL A 183 -6.47 -18.31 8.70
N SER A 184 -6.48 -19.57 8.25
CA SER A 184 -5.38 -20.02 7.40
C SER A 184 -5.38 -19.30 6.06
N GLN A 185 -6.49 -18.70 5.65
CA GLN A 185 -6.62 -18.08 4.33
C GLN A 185 -6.70 -16.56 4.38
N HIS A 186 -6.93 -16.00 5.58
CA HIS A 186 -7.16 -14.55 5.73
C HIS A 186 -6.24 -14.05 6.86
N ALA A 187 -6.67 -14.18 8.11
CA ALA A 187 -5.91 -13.53 9.19
C ALA A 187 -4.43 -13.93 9.20
N GLU A 188 -4.09 -15.23 9.10
CA GLU A 188 -2.70 -15.66 9.19
C GLU A 188 -1.86 -15.13 8.03
N PRO A 189 -2.23 -15.31 6.74
CA PRO A 189 -1.45 -14.69 5.67
C PRO A 189 -1.32 -13.18 5.82
N PHE A 190 -2.39 -12.51 6.25
CA PHE A 190 -2.27 -11.08 6.47
C PHE A 190 -1.19 -10.79 7.49
N TYR A 191 -1.27 -11.47 8.64
CA TYR A 191 -0.31 -11.23 9.71
C TYR A 191 1.13 -11.51 9.26
N LYS A 192 1.35 -12.66 8.65
CA LYS A 192 2.70 -13.07 8.26
C LYS A 192 3.27 -12.05 7.25
N SER A 193 2.45 -11.44 6.41
CA SER A 193 2.95 -10.51 5.40
C SER A 193 3.36 -9.18 6.02
N LEU A 194 2.72 -8.78 7.12
CA LEU A 194 3.03 -7.49 7.73
C LEU A 194 4.50 -7.42 8.09
N PRO A 195 5.13 -6.22 8.04
CA PRO A 195 6.52 -6.08 8.39
C PRO A 195 6.75 -6.31 9.88
N ASP A 196 8.00 -6.55 10.25
CA ASP A 196 8.41 -6.79 11.62
C ASP A 196 8.24 -5.52 12.48
N LYS A 197 8.51 -4.37 11.88
CA LYS A 197 8.35 -3.08 12.55
C LYS A 197 7.36 -2.25 11.77
N PRO A 198 6.55 -1.35 12.39
CA PRO A 198 6.72 -0.88 13.78
C PRO A 198 6.18 -1.76 14.90
N GLY A 199 5.41 -2.78 14.55
CA GLY A 199 4.87 -3.66 15.58
C GLY A 199 3.56 -4.32 15.14
N LYS A 200 3.55 -5.64 15.30
CA LYS A 200 2.39 -6.41 14.92
C LYS A 200 2.09 -7.46 16.00
N ALA A 201 0.85 -7.92 15.97
CA ALA A 201 0.42 -9.04 16.82
C ALA A 201 -0.72 -9.78 16.14
N TYR A 202 -0.85 -11.05 16.47
CA TYR A 202 -1.96 -11.88 16.05
C TYR A 202 -2.50 -12.54 17.32
N LEU A 203 -3.79 -12.31 17.59
CA LEU A 203 -4.45 -12.91 18.73
C LEU A 203 -5.56 -13.77 18.14
N GLU A 204 -5.53 -15.07 18.41
CA GLU A 204 -6.57 -15.97 17.92
C GLU A 204 -7.46 -16.38 19.10
N LEU A 205 -8.77 -16.08 18.94
CA LEU A 205 -9.73 -16.40 20.00
C LEU A 205 -10.10 -17.87 19.96
N ALA A 206 -9.80 -18.54 21.07
CA ALA A 206 -10.08 -19.98 21.14
C ALA A 206 -11.56 -20.29 20.96
N GLY A 207 -11.83 -21.29 20.11
CA GLY A 207 -13.16 -21.84 19.89
C GLY A 207 -14.15 -20.86 19.26
N ALA A 208 -13.67 -19.73 18.77
CA ALA A 208 -14.58 -18.64 18.38
C ALA A 208 -14.99 -18.77 16.93
N SER A 209 -16.18 -18.20 16.68
CA SER A 209 -16.69 -18.10 15.32
C SER A 209 -16.46 -16.69 14.76
N HIS A 210 -16.80 -16.55 13.49
CA HIS A 210 -16.67 -15.27 12.77
C HIS A 210 -17.44 -14.15 13.46
N LEU A 211 -18.50 -14.47 14.17
CA LEU A 211 -19.36 -13.47 14.78
C LEU A 211 -18.87 -13.03 16.17
N ALA A 212 -17.74 -13.59 16.68
CA ALA A 212 -17.27 -13.24 18.00
C ALA A 212 -17.08 -11.73 18.15
N PRO A 213 -16.56 -11.02 17.15
CA PRO A 213 -16.38 -9.57 17.31
C PRO A 213 -17.65 -8.76 17.47
N ASN A 214 -18.82 -9.35 17.25
CA ASN A 214 -20.03 -8.54 17.26
C ASN A 214 -20.72 -8.53 18.63
N THR A 215 -20.12 -9.21 19.63
CA THR A 215 -20.61 -9.17 21.01
C THR A 215 -19.48 -8.85 21.98
N ASP A 216 -19.83 -8.08 23.03
CA ASP A 216 -18.91 -7.75 24.11
CA ASP A 216 -18.90 -7.76 24.11
C ASP A 216 -18.03 -8.96 24.44
N ASN A 217 -16.73 -8.75 24.36
CA ASN A 217 -15.77 -9.85 24.50
C ASN A 217 -14.60 -9.30 25.30
N THR A 218 -14.36 -9.84 26.49
CA THR A 218 -13.36 -9.25 27.35
C THR A 218 -11.98 -9.32 26.72
N THR A 219 -11.66 -10.41 26.00
CA THR A 219 -10.34 -10.57 25.39
C THR A 219 -10.17 -9.53 24.27
N ILE A 220 -11.17 -9.44 23.41
CA ILE A 220 -11.07 -8.44 22.35
C ILE A 220 -10.91 -7.07 22.98
N ALA A 221 -11.72 -6.76 23.99
CA ALA A 221 -11.69 -5.43 24.61
C ALA A 221 -10.34 -5.12 25.22
N LYS A 222 -9.83 -6.05 26.04
CA LYS A 222 -8.57 -5.79 26.73
C LYS A 222 -7.45 -5.48 25.73
N PHE A 223 -7.34 -6.34 24.70
CA PHE A 223 -6.23 -6.23 23.77
C PHE A 223 -6.42 -5.03 22.85
N SER A 224 -7.66 -4.75 22.50
CA SER A 224 -7.93 -3.58 21.66
C SER A 224 -7.61 -2.30 22.45
N ILE A 225 -8.02 -2.22 23.71
CA ILE A 225 -7.72 -1.04 24.53
C ILE A 225 -6.19 -0.94 24.65
N ALA A 226 -5.50 -2.04 24.96
CA ALA A 226 -4.06 -1.94 25.12
C ALA A 226 -3.41 -1.49 23.80
N TRP A 227 -3.87 -2.03 22.66
CA TRP A 227 -3.25 -1.69 21.40
C TRP A 227 -3.46 -0.20 21.08
N LEU A 228 -4.70 0.30 21.23
CA LEU A 228 -4.95 1.71 20.91
C LEU A 228 -4.20 2.63 21.89
N LYS A 229 -4.18 2.25 23.17
CA LYS A 229 -3.40 3.05 24.13
C LYS A 229 -1.93 3.09 23.71
N ARG A 230 -1.39 1.90 23.40
CA ARG A 230 0.04 1.83 23.16
C ARG A 230 0.42 2.56 21.89
N PHE A 231 -0.41 2.49 20.83
CA PHE A 231 -0.01 2.96 19.51
C PHE A 231 -0.73 4.21 19.06
N LEU A 232 -2.03 4.40 19.37
CA LEU A 232 -2.60 5.71 19.07
C LEU A 232 -2.12 6.79 20.04
N ASP A 233 -2.06 6.42 21.34
CA ASP A 233 -1.68 7.39 22.36
C ASP A 233 -0.19 7.42 22.62
N ASP A 234 0.55 6.38 22.22
CA ASP A 234 1.94 6.15 22.62
C ASP A 234 2.03 6.04 24.14
N ASP A 235 0.98 5.48 24.75
CA ASP A 235 0.91 5.31 26.18
C ASP A 235 1.51 3.96 26.56
N THR A 236 2.80 3.98 26.85
CA THR A 236 3.60 2.81 27.10
C THR A 236 3.24 2.18 28.45
N ARG A 237 2.35 2.80 29.23
CA ARG A 237 1.89 2.13 30.45
C ARG A 237 1.11 0.85 30.11
N TYR A 238 0.71 0.72 28.82
CA TYR A 238 -0.04 -0.42 28.38
C TYR A 238 0.83 -1.46 27.67
N ASP A 239 2.13 -1.20 27.51
CA ASP A 239 3.05 -2.18 26.93
CA ASP A 239 3.02 -2.17 26.90
C ASP A 239 2.96 -3.51 27.66
N ARG A 240 2.84 -3.46 28.99
CA ARG A 240 2.90 -4.65 29.85
C ARG A 240 1.83 -5.67 29.46
N PHE A 241 0.73 -5.22 28.86
CA PHE A 241 -0.36 -6.12 28.51
C PHE A 241 -0.03 -6.88 27.21
N LEU A 242 0.86 -6.31 26.40
CA LEU A 242 1.14 -6.83 25.06
C LEU A 242 2.45 -7.59 24.99
N CYS A 243 3.41 -7.25 25.88
CA CYS A 243 4.73 -7.84 25.77
C CYS A 243 5.27 -8.08 27.17
N PRO A 244 5.82 -9.28 27.45
CA PRO A 244 5.81 -10.42 26.51
C PRO A 244 4.41 -10.89 26.18
N PRO A 245 4.23 -11.69 25.10
CA PRO A 245 2.90 -12.13 24.72
C PRO A 245 2.19 -12.89 25.85
N PRO A 246 0.84 -12.87 25.82
CA PRO A 246 0.07 -13.56 26.87
C PRO A 246 0.30 -15.07 26.81
N ARG A 247 0.26 -15.68 27.98
CA ARG A 247 0.35 -17.12 28.13
C ARG A 247 -0.73 -17.55 29.10
N ASN A 248 -1.12 -18.81 28.95
CA ASN A 248 -2.00 -19.43 29.93
C ASN A 248 -3.38 -18.80 29.91
N ASN A 249 -3.85 -18.43 28.73
CA ASN A 249 -5.15 -17.77 28.61
C ASN A 249 -6.04 -18.68 27.79
N LYS A 250 -7.05 -19.30 28.47
CA LYS A 250 -7.92 -20.24 27.79
C LYS A 250 -8.73 -19.60 26.66
N SER A 251 -8.83 -18.27 26.66
CA SER A 251 -9.60 -17.58 25.64
C SER A 251 -8.75 -17.42 24.37
N ILE A 252 -7.42 -17.69 24.45
CA ILE A 252 -6.52 -17.41 23.33
C ILE A 252 -5.90 -18.72 22.87
N SER A 253 -6.27 -19.12 21.65
CA SER A 253 -5.72 -20.39 21.14
C SER A 253 -4.39 -20.23 20.43
N ASP A 254 -4.01 -19.02 20.02
CA ASP A 254 -2.73 -18.78 19.39
C ASP A 254 -2.43 -17.31 19.54
N TYR A 255 -1.15 -16.99 19.58
CA TYR A 255 -0.74 -15.60 19.68
C TYR A 255 0.63 -15.50 19.05
N ARG A 256 0.84 -14.45 18.25
CA ARG A 256 2.11 -14.17 17.59
C ARG A 256 2.40 -12.70 17.80
N SER A 257 3.67 -12.32 17.93
CA SER A 257 3.98 -10.91 18.12
C SER A 257 5.37 -10.59 17.55
N THR A 258 5.64 -9.29 17.42
CA THR A 258 7.01 -8.83 17.25
C THR A 258 7.46 -8.00 18.44
N CYS A 259 7.04 -8.45 19.62
CA CYS A 259 7.51 -7.90 20.88
C CYS A 259 9.02 -8.04 20.95
N PRO A 260 9.76 -7.11 21.57
CA PRO A 260 9.20 -5.92 22.17
C PRO A 260 8.97 -4.80 21.16
N TYR A 261 8.03 -3.92 21.46
CA TYR A 261 7.73 -2.82 20.56
C TYR A 261 8.48 -1.58 21.04
N LYS A 262 9.48 -1.14 20.27
CA LYS A 262 10.39 -0.15 20.82
C LYS A 262 10.14 1.21 20.13
N LYS B 6 24.54 13.68 -9.64
CA LYS B 6 25.02 12.33 -10.04
C LYS B 6 24.19 11.90 -11.24
N VAL B 7 24.66 12.32 -12.41
CA VAL B 7 23.91 12.16 -13.64
C VAL B 7 24.84 11.61 -14.72
N HIS B 8 24.23 11.04 -15.73
CA HIS B 8 24.95 10.36 -16.80
C HIS B 8 24.56 10.93 -18.16
N GLY B 9 25.55 11.02 -19.06
CA GLY B 9 25.25 11.39 -20.43
C GLY B 9 25.23 12.90 -20.58
N PRO B 10 25.29 13.40 -21.84
CA PRO B 10 25.28 14.82 -22.10
C PRO B 10 23.89 15.42 -21.96
N LYS B 11 23.85 16.75 -22.07
CA LYS B 11 22.58 17.43 -22.00
C LYS B 11 21.70 16.81 -23.08
N PRO B 12 20.46 16.37 -22.75
CA PRO B 12 19.61 15.69 -23.74
C PRO B 12 18.97 16.63 -24.75
N THR B 13 18.63 16.07 -25.91
CA THR B 13 17.84 16.76 -26.91
C THR B 13 16.71 15.83 -27.35
N GLU B 14 15.72 16.38 -28.07
CA GLU B 14 14.69 15.53 -28.66
C GLU B 14 15.33 14.41 -29.45
N GLU B 15 16.45 14.73 -30.10
CA GLU B 15 17.10 13.79 -30.97
C GLU B 15 17.77 12.69 -30.13
N SER B 16 18.47 13.08 -29.04
CA SER B 16 19.20 12.10 -28.24
C SER B 16 18.24 11.13 -27.55
N ILE B 17 17.08 11.63 -27.08
CA ILE B 17 16.23 10.80 -26.24
C ILE B 17 15.38 9.86 -27.09
N THR B 18 15.30 10.13 -28.41
CA THR B 18 14.49 9.30 -29.31
C THR B 18 15.33 8.30 -30.09
N LYS B 19 16.67 8.40 -29.99
CA LYS B 19 17.57 7.46 -30.65
C LYS B 19 17.45 6.08 -30.01
N PRO B 20 17.47 4.98 -30.79
CA PRO B 20 17.42 3.63 -30.23
C PRO B 20 18.51 3.36 -29.19
N ARG B 21 19.67 4.03 -29.30
CA ARG B 21 20.73 3.82 -28.31
CA ARG B 21 20.74 3.82 -28.34
C ARG B 21 21.28 5.15 -27.81
N GLY B 22 21.48 5.23 -26.48
CA GLY B 22 22.12 6.40 -25.93
C GLY B 22 23.64 6.24 -26.00
N PRO B 23 24.38 6.99 -25.18
CA PRO B 23 25.82 7.02 -25.34
C PRO B 23 26.55 5.80 -24.77
N PHE B 24 25.87 4.94 -23.98
CA PHE B 24 26.58 3.86 -23.28
C PHE B 24 26.53 2.59 -24.12
N GLU B 25 27.67 1.90 -24.29
CA GLU B 25 27.65 0.53 -24.78
C GLU B 25 27.06 -0.40 -23.70
N VAL B 26 26.34 -1.44 -24.16
CA VAL B 26 25.59 -2.31 -23.28
C VAL B 26 26.18 -3.72 -23.32
N ASN B 27 26.41 -4.27 -22.13
CA ASN B 27 26.69 -5.70 -21.94
C ASN B 27 25.44 -6.38 -21.39
N ARG B 28 25.40 -7.71 -21.52
CA ARG B 28 24.34 -8.50 -20.95
C ARG B 28 24.88 -9.72 -20.20
N ARG B 29 24.15 -10.08 -19.14
CA ARG B 29 24.41 -11.29 -18.38
C ARG B 29 23.09 -12.00 -18.10
N SER B 30 23.00 -13.29 -18.37
CA SER B 30 21.84 -14.12 -18.06
C SER B 30 21.91 -14.56 -16.61
N VAL B 31 20.74 -14.60 -15.98
CA VAL B 31 20.57 -15.13 -14.64
C VAL B 31 19.61 -16.31 -14.77
N SER B 32 20.09 -17.50 -14.45
CA SER B 32 19.31 -18.71 -14.66
C SER B 32 18.17 -18.81 -13.66
N ARG B 33 17.03 -19.31 -14.12
CA ARG B 33 15.92 -19.67 -13.26
C ARG B 33 16.37 -20.69 -12.19
N LEU B 34 17.35 -21.54 -12.52
CA LEU B 34 17.80 -22.60 -11.62
C LEU B 34 18.68 -22.06 -10.48
N LYS B 35 19.08 -20.78 -10.56
CA LYS B 35 20.07 -20.23 -9.65
C LYS B 35 19.46 -19.18 -8.71
N VAL B 36 18.16 -18.93 -8.81
CA VAL B 36 17.48 -17.93 -7.99
C VAL B 36 16.15 -18.50 -7.52
N LYS B 37 15.54 -17.98 -6.44
CA LYS B 37 14.31 -18.56 -5.90
C LYS B 37 13.06 -17.66 -5.91
N GLY B 38 13.27 -16.38 -5.79
CA GLY B 38 12.13 -15.47 -5.62
C GLY B 38 11.50 -14.95 -6.92
N PHE B 39 12.06 -15.37 -8.06
CA PHE B 39 11.59 -15.02 -9.39
C PHE B 39 12.18 -16.04 -10.35
N GLY B 40 11.94 -15.84 -11.64
CA GLY B 40 12.26 -16.87 -12.63
C GLY B 40 13.55 -16.64 -13.41
N GLY B 41 14.49 -15.86 -12.86
CA GLY B 41 15.71 -15.47 -13.55
C GLY B 41 15.43 -14.30 -14.47
N GLY B 42 16.36 -14.01 -15.38
CA GLY B 42 16.18 -12.92 -16.31
C GLY B 42 17.48 -12.57 -17.01
N THR B 43 17.51 -11.40 -17.65
CA THR B 43 18.71 -10.92 -18.33
C THR B 43 19.00 -9.54 -17.80
N ILE B 44 20.25 -9.29 -17.43
CA ILE B 44 20.71 -8.01 -16.94
C ILE B 44 21.42 -7.32 -18.10
N TYR B 45 20.94 -6.12 -18.44
CA TYR B 45 21.59 -5.27 -19.41
C TYR B 45 22.24 -4.13 -18.64
N TYR B 46 23.50 -3.81 -18.91
CA TYR B 46 24.22 -2.84 -18.09
C TYR B 46 25.25 -2.08 -18.92
N PRO B 47 25.62 -0.85 -18.55
CA PRO B 47 26.63 -0.10 -19.31
C PRO B 47 28.01 -0.73 -19.14
N THR B 48 28.76 -0.86 -20.24
CA THR B 48 30.06 -1.50 -20.23
C THR B 48 31.02 -0.54 -19.52
N ASN B 49 30.69 0.76 -19.56
CA ASN B 49 31.48 1.77 -18.88
C ASN B 49 31.11 1.86 -17.41
N THR B 50 31.88 1.15 -16.58
CA THR B 50 31.53 0.91 -15.19
C THR B 50 32.46 1.72 -14.28
N THR B 51 33.27 2.60 -14.91
CA THR B 51 34.42 3.26 -14.32
C THR B 51 34.04 4.66 -13.87
N ASP B 52 32.82 5.09 -14.20
CA ASP B 52 32.40 6.42 -13.81
C ASP B 52 31.56 6.30 -12.54
N GLY B 53 30.39 6.93 -12.52
CA GLY B 53 29.53 6.85 -11.35
C GLY B 53 28.75 5.54 -11.31
N LEU B 54 28.08 5.31 -10.18
CA LEU B 54 27.11 4.24 -10.03
C LEU B 54 25.91 4.54 -10.93
N PHE B 55 25.20 3.48 -11.29
CA PHE B 55 23.97 3.58 -12.07
C PHE B 55 22.75 3.25 -11.23
N SER B 56 21.63 3.90 -11.61
CA SER B 56 20.34 3.45 -11.11
C SER B 56 19.96 2.14 -11.80
N ALA B 57 19.03 1.38 -11.21
CA ALA B 57 18.62 0.08 -11.76
C ALA B 57 17.10 0.00 -11.80
N VAL B 58 16.60 -0.74 -12.80
CA VAL B 58 15.17 -0.99 -12.95
C VAL B 58 14.92 -2.46 -13.27
N SER B 59 13.96 -3.09 -12.57
CA SER B 59 13.48 -4.41 -12.96
CA SER B 59 13.47 -4.41 -12.94
C SER B 59 12.19 -4.29 -13.76
N ILE B 60 12.04 -5.16 -14.76
CA ILE B 60 10.91 -5.13 -15.67
C ILE B 60 10.23 -6.50 -15.75
N SER B 61 8.94 -6.55 -15.44
CA SER B 61 8.14 -7.77 -15.44
C SER B 61 7.34 -7.90 -16.73
N PRO B 62 7.16 -9.13 -17.23
CA PRO B 62 6.22 -9.38 -18.34
C PRO B 62 4.82 -9.50 -17.77
N GLY B 63 3.87 -9.82 -18.65
CA GLY B 63 2.49 -10.08 -18.25
C GLY B 63 2.13 -11.55 -18.28
N PHE B 64 0.84 -11.83 -18.12
CA PHE B 64 0.32 -13.19 -18.00
C PHE B 64 0.60 -13.92 -19.31
N THR B 65 1.18 -15.12 -19.18
CA THR B 65 1.60 -16.02 -20.27
C THR B 65 2.84 -15.47 -20.98
N GLY B 66 3.44 -14.39 -20.47
CA GLY B 66 4.56 -13.73 -21.14
C GLY B 66 5.91 -14.09 -20.51
N THR B 67 6.94 -14.08 -21.34
CA THR B 67 8.30 -14.22 -20.84
C THR B 67 9.09 -12.95 -21.10
N GLN B 68 10.32 -12.92 -20.64
CA GLN B 68 11.17 -11.77 -20.81
C GLN B 68 11.34 -11.40 -22.28
N GLU B 69 11.14 -12.35 -23.20
CA GLU B 69 11.25 -12.03 -24.63
C GLU B 69 10.34 -10.86 -25.01
N THR B 70 9.18 -10.76 -24.32
CA THR B 70 8.15 -9.77 -24.61
C THR B 70 8.66 -8.37 -24.23
N MET B 71 9.67 -8.30 -23.35
CA MET B 71 10.19 -7.04 -22.82
C MET B 71 11.65 -6.79 -23.19
N ALA B 72 12.22 -7.64 -24.08
CA ALA B 72 13.67 -7.63 -24.27
C ALA B 72 14.14 -6.28 -24.81
N TRP B 73 13.32 -5.61 -25.67
CA TRP B 73 13.78 -4.39 -26.30
C TRP B 73 14.11 -3.28 -25.29
N TYR B 74 13.48 -3.31 -24.10
CA TYR B 74 13.75 -2.27 -23.10
C TYR B 74 15.20 -2.37 -22.62
N GLY B 75 15.81 -3.55 -22.71
CA GLY B 75 17.14 -3.80 -22.15
C GLY B 75 18.18 -2.88 -22.76
N PRO B 76 18.45 -3.03 -24.06
CA PRO B 76 19.42 -2.14 -24.72
C PRO B 76 18.97 -0.69 -24.78
N ARG B 77 17.64 -0.49 -24.96
CA ARG B 77 17.14 0.86 -25.18
C ARG B 77 17.40 1.72 -23.94
N LEU B 78 17.12 1.15 -22.76
CA LEU B 78 17.26 1.89 -21.50
C LEU B 78 18.68 1.78 -20.96
N ALA B 79 19.32 0.58 -21.05
CA ALA B 79 20.66 0.46 -20.49
C ALA B 79 21.64 1.40 -21.20
N SER B 80 21.43 1.61 -22.50
CA SER B 80 22.32 2.45 -23.29
C SER B 80 22.22 3.93 -22.89
N GLN B 81 21.18 4.25 -22.08
CA GLN B 81 21.02 5.60 -21.53
C GLN B 81 21.64 5.71 -20.14
N GLY B 82 22.35 4.66 -19.67
CA GLY B 82 23.01 4.72 -18.37
C GLY B 82 22.15 4.20 -17.22
N PHE B 83 21.67 2.98 -17.39
CA PHE B 83 20.90 2.27 -16.37
C PHE B 83 21.27 0.80 -16.40
N VAL B 84 21.10 0.15 -15.24
CA VAL B 84 21.09 -1.30 -15.23
C VAL B 84 19.64 -1.74 -15.32
N VAL B 85 19.34 -2.64 -16.25
CA VAL B 85 17.99 -3.02 -16.59
C VAL B 85 17.86 -4.52 -16.50
N PHE B 86 16.91 -5.03 -15.71
CA PHE B 86 16.77 -6.46 -15.48
C PHE B 86 15.44 -6.90 -16.03
N THR B 87 15.42 -7.55 -17.19
CA THR B 87 14.20 -8.11 -17.75
C THR B 87 14.00 -9.47 -17.11
N ILE B 88 13.02 -9.60 -16.22
CA ILE B 88 12.86 -10.84 -15.48
C ILE B 88 11.83 -11.78 -16.12
N ASP B 89 11.97 -13.06 -15.82
CA ASP B 89 10.91 -14.03 -15.92
C ASP B 89 10.31 -14.24 -14.54
N THR B 90 9.03 -14.63 -14.54
CA THR B 90 8.35 -14.97 -13.31
C THR B 90 8.47 -16.47 -13.04
N ILE B 91 8.14 -16.85 -11.80
CA ILE B 91 8.20 -18.23 -11.36
C ILE B 91 7.37 -19.08 -12.32
N THR B 92 6.14 -18.68 -12.60
CA THR B 92 5.34 -19.31 -13.65
C THR B 92 4.74 -18.22 -14.51
N THR B 93 4.32 -18.55 -15.73
CA THR B 93 3.81 -17.51 -16.60
C THR B 93 2.37 -17.15 -16.21
N THR B 94 1.75 -17.89 -15.29
CA THR B 94 0.39 -17.56 -14.87
C THR B 94 0.33 -16.85 -13.52
N ASP B 95 1.48 -16.38 -13.02
CA ASP B 95 1.53 -15.63 -11.76
C ASP B 95 0.63 -14.39 -11.85
N GLN B 96 -0.04 -14.02 -10.76
CA GLN B 96 -0.95 -12.90 -10.71
C GLN B 96 -0.21 -11.64 -10.26
N PRO B 97 -0.87 -10.45 -10.33
CA PRO B 97 -0.16 -9.20 -10.07
C PRO B 97 0.58 -9.09 -8.74
N ASP B 98 -0.08 -9.47 -7.62
CA ASP B 98 0.56 -9.27 -6.32
C ASP B 98 1.78 -10.18 -6.16
N SER B 99 1.76 -11.36 -6.80
CA SER B 99 2.93 -12.21 -6.84
C SER B 99 4.03 -11.60 -7.72
N ARG B 100 3.63 -11.05 -8.88
CA ARG B 100 4.59 -10.32 -9.73
C ARG B 100 5.27 -9.18 -9.00
N ALA B 101 4.52 -8.46 -8.13
CA ALA B 101 5.11 -7.42 -7.29
C ALA B 101 6.26 -7.95 -6.45
N ARG B 102 6.00 -9.06 -5.74
CA ARG B 102 7.04 -9.64 -4.92
C ARG B 102 8.23 -10.11 -5.74
N GLN B 103 7.98 -10.59 -6.97
CA GLN B 103 9.07 -11.09 -7.81
C GLN B 103 9.92 -9.92 -8.29
N LEU B 104 9.28 -8.80 -8.61
CA LEU B 104 10.03 -7.61 -8.98
C LEU B 104 10.95 -7.19 -7.85
N GLN B 105 10.42 -7.14 -6.61
CA GLN B 105 11.23 -6.75 -5.46
C GLN B 105 12.36 -7.77 -5.22
N ALA B 106 12.05 -9.06 -5.30
CA ALA B 106 13.07 -10.10 -5.14
C ALA B 106 14.19 -9.96 -6.16
N SER B 107 13.82 -9.60 -7.38
CA SER B 107 14.81 -9.42 -8.45
C SER B 107 15.72 -8.23 -8.14
N LEU B 108 15.20 -7.13 -7.58
CA LEU B 108 16.03 -5.99 -7.22
C LEU B 108 16.96 -6.37 -6.08
N LYS B 109 16.43 -7.12 -5.08
CA LYS B 109 17.28 -7.60 -4.00
C LYS B 109 18.44 -8.44 -4.54
N TYR B 110 18.13 -9.33 -5.49
CA TYR B 110 19.17 -10.13 -6.12
C TYR B 110 20.19 -9.19 -6.78
N LEU B 111 19.71 -8.22 -7.58
CA LEU B 111 20.60 -7.33 -8.30
C LEU B 111 21.59 -6.64 -7.38
N VAL B 112 21.11 -6.12 -6.25
CA VAL B 112 21.96 -5.29 -5.39
C VAL B 112 22.78 -6.15 -4.40
N ASN B 113 22.30 -7.35 -4.07
CA ASN B 113 22.99 -8.11 -3.03
C ASN B 113 23.90 -9.18 -3.62
N LYS B 114 23.58 -9.72 -4.81
CA LYS B 114 24.16 -10.99 -5.24
C LYS B 114 24.69 -10.93 -6.67
N SER B 115 24.11 -10.06 -7.51
CA SER B 115 24.40 -10.19 -8.94
C SER B 115 25.85 -9.79 -9.23
N LYS B 116 26.30 -10.13 -10.44
CA LYS B 116 27.64 -9.78 -10.87
C LYS B 116 27.82 -8.27 -11.05
N VAL B 117 26.71 -7.52 -11.12
CA VAL B 117 26.79 -6.08 -11.34
C VAL B 117 26.40 -5.29 -10.10
N LYS B 118 26.33 -5.96 -8.94
CA LYS B 118 25.89 -5.31 -7.72
C LYS B 118 26.69 -4.04 -7.42
N ASP B 119 28.02 -4.01 -7.69
CA ASP B 119 28.80 -2.90 -7.21
C ASP B 119 28.79 -1.72 -8.18
N ILE B 120 28.06 -1.85 -9.30
CA ILE B 120 27.94 -0.69 -10.17
C ILE B 120 26.58 0.01 -9.99
N ILE B 121 25.74 -0.51 -9.09
CA ILE B 121 24.39 0.00 -8.87
C ILE B 121 24.42 0.85 -7.61
N ASP B 122 23.70 1.97 -7.68
CA ASP B 122 23.35 2.73 -6.49
C ASP B 122 22.10 2.07 -5.88
N PRO B 123 22.23 1.37 -4.72
CA PRO B 123 21.11 0.63 -4.15
C PRO B 123 19.98 1.55 -3.68
N ALA B 124 20.24 2.87 -3.57
CA ALA B 124 19.22 3.84 -3.20
C ALA B 124 18.37 4.29 -4.38
N ARG B 125 18.66 3.82 -5.59
CA ARG B 125 18.04 4.35 -6.81
C ARG B 125 17.51 3.20 -7.64
N LEU B 126 16.35 2.68 -7.26
CA LEU B 126 15.80 1.47 -7.85
C LEU B 126 14.37 1.75 -8.30
N GLY B 127 14.00 1.18 -9.45
CA GLY B 127 12.68 1.35 -10.04
C GLY B 127 12.09 0.01 -10.46
N VAL B 128 10.80 0.07 -10.82
CA VAL B 128 10.06 -1.06 -11.35
C VAL B 128 9.30 -0.65 -12.60
N MET B 129 9.18 -1.59 -13.52
CA MET B 129 8.32 -1.44 -14.68
C MET B 129 7.66 -2.78 -14.94
N GLY B 130 6.55 -2.79 -15.67
CA GLY B 130 6.02 -4.08 -16.02
C GLY B 130 4.85 -3.96 -16.97
N HIS B 131 4.61 -5.02 -17.75
CA HIS B 131 3.55 -5.04 -18.75
C HIS B 131 2.35 -5.82 -18.21
N SER B 132 1.13 -5.25 -18.33
CA SER B 132 -0.08 -6.01 -18.15
C SER B 132 -0.20 -6.38 -16.67
N MET B 133 -0.34 -7.68 -16.33
CA MET B 133 -0.33 -8.05 -14.92
C MET B 133 1.00 -7.64 -14.27
N GLY B 134 2.09 -7.60 -15.05
CA GLY B 134 3.36 -7.10 -14.53
C GLY B 134 3.31 -5.62 -14.21
N GLY B 135 2.46 -4.87 -14.93
CA GLY B 135 2.25 -3.47 -14.63
C GLY B 135 1.42 -3.29 -13.35
N GLY B 136 0.38 -4.14 -13.19
CA GLY B 136 -0.27 -4.24 -11.88
C GLY B 136 0.77 -4.53 -10.78
N GLY B 137 1.66 -5.49 -11.07
CA GLY B 137 2.71 -5.83 -10.13
C GLY B 137 3.61 -4.66 -9.78
N SER B 138 3.95 -3.84 -10.79
CA SER B 138 4.81 -2.72 -10.49
C SER B 138 4.14 -1.73 -9.53
N LEU B 139 2.83 -1.51 -9.72
CA LEU B 139 2.09 -0.61 -8.83
C LEU B 139 2.08 -1.14 -7.40
N LYS B 140 1.85 -2.45 -7.25
CA LYS B 140 1.86 -3.02 -5.91
C LYS B 140 3.26 -3.05 -5.30
N ALA B 141 4.28 -3.29 -6.12
CA ALA B 141 5.65 -3.26 -5.62
C ALA B 141 5.98 -1.87 -5.08
N ALA B 142 5.56 -0.83 -5.83
CA ALA B 142 5.82 0.52 -5.35
C ALA B 142 5.02 0.86 -4.08
N LEU B 143 3.77 0.39 -4.03
CA LEU B 143 2.94 0.57 -2.83
C LEU B 143 3.66 0.01 -1.61
N ASP B 144 4.32 -1.13 -1.79
CA ASP B 144 4.85 -1.88 -0.66
C ASP B 144 6.29 -1.52 -0.30
N ASN B 145 6.96 -0.81 -1.20
CA ASN B 145 8.32 -0.37 -0.92
C ASN B 145 8.43 1.10 -1.34
N PRO B 146 8.13 2.08 -0.47
CA PRO B 146 8.22 3.48 -0.85
C PRO B 146 9.64 3.99 -1.09
N LYS B 147 10.65 3.13 -0.88
CA LYS B 147 12.01 3.51 -1.19
C LYS B 147 12.22 3.50 -2.71
N LEU B 148 11.39 2.75 -3.45
CA LEU B 148 11.50 2.73 -4.92
C LEU B 148 11.33 4.14 -5.45
N LYS B 149 12.18 4.54 -6.40
CA LYS B 149 12.20 5.93 -6.82
C LYS B 149 11.47 6.16 -8.14
N ALA B 150 11.05 5.10 -8.83
CA ALA B 150 10.24 5.31 -10.04
C ALA B 150 9.44 4.06 -10.35
N ALA B 151 8.25 4.24 -10.98
CA ALA B 151 7.47 3.10 -11.44
C ALA B 151 6.90 3.45 -12.80
N ILE B 152 6.94 2.48 -13.72
CA ILE B 152 6.33 2.68 -15.02
C ILE B 152 5.48 1.47 -15.36
N PRO B 153 4.18 1.51 -14.98
CA PRO B 153 3.24 0.45 -15.35
C PRO B 153 2.81 0.59 -16.82
N LEU B 154 3.08 -0.43 -17.62
CA LEU B 154 2.81 -0.43 -19.07
C LEU B 154 1.55 -1.24 -19.31
N THR B 155 0.55 -0.58 -19.92
CA THR B 155 -0.78 -1.15 -20.16
C THR B 155 -1.16 -2.04 -18.96
N PRO B 156 -1.17 -1.48 -17.74
CA PRO B 156 -1.27 -2.31 -16.56
C PRO B 156 -2.64 -2.95 -16.38
N TRP B 157 -2.66 -4.08 -15.69
CA TRP B 157 -3.86 -4.81 -15.34
C TRP B 157 -3.75 -5.19 -13.88
N HIS B 158 -4.82 -4.89 -13.13
CA HIS B 158 -4.91 -5.36 -11.75
C HIS B 158 -6.39 -5.40 -11.37
N THR B 159 -6.75 -6.26 -10.41
CA THR B 159 -8.05 -6.25 -9.76
C THR B 159 -8.13 -5.18 -8.66
N THR B 160 -7.01 -4.88 -8.01
CA THR B 160 -6.99 -3.74 -7.12
C THR B 160 -7.00 -2.48 -8.00
N LYS B 161 -7.85 -1.49 -7.62
CA LYS B 161 -8.02 -0.34 -8.49
C LYS B 161 -7.45 0.91 -7.83
N ASP B 162 -7.23 0.88 -6.51
CA ASP B 162 -6.92 2.09 -5.76
C ASP B 162 -5.49 2.03 -5.23
N PHE B 163 -4.63 2.85 -5.82
CA PHE B 163 -3.20 2.93 -5.50
C PHE B 163 -2.86 4.29 -4.88
N ARG B 164 -3.82 4.85 -4.13
CA ARG B 164 -3.55 6.11 -3.46
C ARG B 164 -2.37 6.06 -2.50
N GLY B 165 -1.96 4.87 -2.02
CA GLY B 165 -0.85 4.76 -1.08
C GLY B 165 0.53 4.72 -1.76
N VAL B 166 0.58 4.80 -3.11
CA VAL B 166 1.88 4.75 -3.78
C VAL B 166 2.57 6.10 -3.67
N ARG B 167 3.77 6.17 -3.08
CA ARG B 167 4.53 7.39 -2.78
C ARG B 167 5.70 7.54 -3.77
N THR B 168 5.68 6.78 -4.87
CA THR B 168 6.78 6.70 -5.84
C THR B 168 6.33 7.47 -7.08
N PRO B 169 7.17 8.30 -7.71
CA PRO B 169 6.81 8.88 -9.01
C PRO B 169 6.42 7.84 -10.06
N THR B 170 5.20 7.93 -10.60
CA THR B 170 4.66 6.89 -11.42
C THR B 170 4.16 7.46 -12.75
N LEU B 171 4.65 6.85 -13.83
CA LEU B 171 4.21 7.11 -15.20
C LEU B 171 3.43 5.89 -15.67
N ILE B 172 2.12 6.01 -15.82
CA ILE B 172 1.32 4.94 -16.36
C ILE B 172 1.17 5.14 -17.87
N ILE B 173 1.48 4.10 -18.66
CA ILE B 173 1.31 4.16 -20.11
C ILE B 173 0.15 3.27 -20.50
N GLY B 174 -0.90 3.90 -21.05
CA GLY B 174 -2.08 3.16 -21.47
C GLY B 174 -2.09 3.02 -22.98
N ALA B 175 -2.95 2.09 -23.46
CA ALA B 175 -3.14 1.93 -24.90
C ALA B 175 -4.59 2.24 -25.20
N GLN B 176 -4.82 3.18 -26.13
CA GLN B 176 -6.17 3.73 -26.27
C GLN B 176 -7.19 2.63 -26.54
N ASN B 177 -6.84 1.65 -27.39
CA ASN B 177 -7.78 0.68 -27.89
C ASN B 177 -7.55 -0.65 -27.20
N ASP B 178 -6.96 -0.62 -26.00
CA ASP B 178 -6.72 -1.83 -25.24
C ASP B 178 -8.03 -2.52 -24.84
N THR B 179 -8.18 -3.79 -25.25
CA THR B 179 -9.37 -4.52 -24.86
C THR B 179 -9.08 -5.54 -23.76
N VAL B 180 -7.80 -5.72 -23.46
CA VAL B 180 -7.36 -6.68 -22.46
C VAL B 180 -7.40 -6.02 -21.10
N ALA B 181 -6.75 -4.84 -21.00
CA ALA B 181 -6.74 -4.04 -19.78
C ALA B 181 -7.33 -2.67 -20.13
N PRO B 182 -8.65 -2.60 -20.42
CA PRO B 182 -9.19 -1.35 -20.94
C PRO B 182 -8.86 -0.19 -20.01
N VAL B 183 -8.42 0.92 -20.61
CA VAL B 183 -7.92 2.02 -19.80
C VAL B 183 -8.99 2.55 -18.84
N SER B 184 -10.27 2.50 -19.23
CA SER B 184 -11.31 3.01 -18.33
C SER B 184 -11.44 2.17 -17.06
N GLN B 185 -10.99 0.92 -17.11
CA GLN B 185 -11.12 0.00 -15.98
C GLN B 185 -9.82 -0.28 -15.26
N HIS B 186 -8.68 0.11 -15.83
CA HIS B 186 -7.37 -0.23 -15.28
C HIS B 186 -6.53 1.04 -15.22
N ALA B 187 -5.86 1.41 -16.32
CA ALA B 187 -4.90 2.52 -16.28
C ALA B 187 -5.50 3.80 -15.69
N GLU B 188 -6.68 4.22 -16.14
CA GLU B 188 -7.26 5.48 -15.69
C GLU B 188 -7.60 5.46 -14.21
N PRO B 189 -8.36 4.47 -13.66
CA PRO B 189 -8.57 4.44 -12.22
C PRO B 189 -7.27 4.39 -11.42
N PHE B 190 -6.30 3.63 -11.90
CA PHE B 190 -4.99 3.58 -11.23
C PHE B 190 -4.43 5.00 -11.14
N TYR B 191 -4.35 5.66 -12.29
CA TYR B 191 -3.74 7.00 -12.32
C TYR B 191 -4.49 7.99 -11.43
N LYS B 192 -5.83 8.02 -11.55
CA LYS B 192 -6.58 8.99 -10.77
C LYS B 192 -6.40 8.75 -9.27
N SER B 193 -6.21 7.50 -8.83
CA SER B 193 -6.05 7.22 -7.42
C SER B 193 -4.71 7.67 -6.90
N LEU B 194 -3.68 7.71 -7.75
CA LEU B 194 -2.35 8.06 -7.24
C LEU B 194 -2.35 9.45 -6.63
N PRO B 195 -1.52 9.76 -5.63
CA PRO B 195 -1.49 11.08 -5.06
C PRO B 195 -0.90 12.09 -6.05
N ASP B 196 -1.12 13.37 -5.75
CA ASP B 196 -0.66 14.50 -6.54
C ASP B 196 0.87 14.61 -6.51
N LYS B 197 1.44 14.29 -5.35
CA LYS B 197 2.88 14.34 -5.18
C LYS B 197 3.33 12.95 -4.75
N PRO B 198 4.55 12.48 -5.10
CA PRO B 198 5.63 13.31 -5.66
C PRO B 198 5.59 13.65 -7.15
N GLY B 199 4.74 12.93 -7.89
CA GLY B 199 4.64 13.18 -9.31
C GLY B 199 4.07 11.98 -10.02
N LYS B 200 3.09 12.26 -10.87
CA LYS B 200 2.50 11.22 -11.71
C LYS B 200 2.27 11.75 -13.11
N ALA B 201 2.09 10.79 -14.02
CA ALA B 201 1.70 11.11 -15.38
C ALA B 201 0.95 9.92 -15.95
N TYR B 202 0.06 10.22 -16.90
CA TYR B 202 -0.62 9.20 -17.68
C TYR B 202 -0.40 9.54 -19.14
N LEU B 203 0.17 8.58 -19.91
CA LEU B 203 0.39 8.76 -21.32
C LEU B 203 -0.39 7.67 -22.02
N GLU B 204 -1.33 8.08 -22.90
CA GLU B 204 -2.14 7.08 -23.58
C GLU B 204 -1.70 7.07 -25.06
N LEU B 205 -1.29 5.89 -25.53
CA LEU B 205 -0.84 5.67 -26.90
C LEU B 205 -2.03 5.60 -27.84
N ALA B 206 -2.05 6.56 -28.77
CA ALA B 206 -3.14 6.65 -29.73
C ALA B 206 -3.23 5.40 -30.60
N GLY B 207 -4.45 4.87 -30.74
CA GLY B 207 -4.75 3.75 -31.62
C GLY B 207 -4.11 2.43 -31.22
N ALA B 208 -3.50 2.37 -30.02
CA ALA B 208 -2.64 1.24 -29.66
C ALA B 208 -3.46 0.15 -29.01
N SER B 209 -2.95 -1.09 -29.13
CA SER B 209 -3.55 -2.24 -28.48
C SER B 209 -2.67 -2.66 -27.29
N HIS B 210 -3.17 -3.67 -26.56
CA HIS B 210 -2.51 -4.16 -25.35
C HIS B 210 -1.05 -4.58 -25.59
N LEU B 211 -0.71 -5.01 -26.80
CA LEU B 211 0.65 -5.53 -27.00
C LEU B 211 1.64 -4.45 -27.41
N ALA B 212 1.21 -3.16 -27.50
CA ALA B 212 2.09 -2.08 -27.93
C ALA B 212 3.39 -2.07 -27.13
N PRO B 213 3.36 -2.34 -25.79
CA PRO B 213 4.61 -2.34 -25.03
C PRO B 213 5.64 -3.39 -25.38
N ASN B 214 5.27 -4.36 -26.20
CA ASN B 214 6.17 -5.48 -26.43
C ASN B 214 7.03 -5.29 -27.66
N THR B 215 6.95 -4.16 -28.36
CA THR B 215 7.85 -3.88 -29.49
C THR B 215 8.35 -2.46 -29.43
N ASP B 216 9.53 -2.21 -30.03
CA ASP B 216 10.19 -0.93 -29.90
C ASP B 216 9.18 0.15 -30.25
N ASN B 217 9.12 1.15 -29.39
CA ASN B 217 8.10 2.18 -29.51
C ASN B 217 8.78 3.48 -29.10
N THR B 218 8.95 4.42 -30.04
CA THR B 218 9.71 5.62 -29.73
C THR B 218 9.06 6.39 -28.57
N THR B 219 7.72 6.43 -28.54
CA THR B 219 7.01 7.21 -27.53
C THR B 219 7.22 6.58 -26.15
N ILE B 220 7.00 5.28 -26.08
CA ILE B 220 7.30 4.60 -24.82
C ILE B 220 8.75 4.88 -24.40
N ALA B 221 9.69 4.68 -25.30
CA ALA B 221 11.10 4.87 -24.98
C ALA B 221 11.41 6.28 -24.49
N LYS B 222 10.99 7.30 -25.24
CA LYS B 222 11.32 8.66 -24.86
C LYS B 222 10.84 8.96 -23.43
N PHE B 223 9.55 8.64 -23.18
CA PHE B 223 8.95 9.04 -21.92
C PHE B 223 9.48 8.17 -20.77
N SER B 224 9.79 6.91 -21.07
CA SER B 224 10.34 6.06 -20.02
C SER B 224 11.77 6.51 -19.67
N ILE B 225 12.58 6.86 -20.67
CA ILE B 225 13.91 7.39 -20.41
C ILE B 225 13.83 8.67 -19.60
N ALA B 226 12.94 9.60 -20.02
CA ALA B 226 12.83 10.83 -19.27
C ALA B 226 12.39 10.55 -17.84
N TRP B 227 11.45 9.64 -17.66
CA TRP B 227 10.92 9.37 -16.32
C TRP B 227 12.02 8.79 -15.43
N LEU B 228 12.76 7.80 -15.93
CA LEU B 228 13.81 7.17 -15.12
C LEU B 228 14.95 8.13 -14.84
N LYS B 229 15.31 8.92 -15.86
CA LYS B 229 16.33 9.96 -15.65
C LYS B 229 15.90 10.93 -14.55
N ARG B 230 14.66 11.45 -14.71
CA ARG B 230 14.19 12.46 -13.77
C ARG B 230 14.06 11.92 -12.34
N PHE B 231 13.56 10.69 -12.19
CA PHE B 231 13.17 10.18 -10.88
C PHE B 231 14.12 9.17 -10.28
N LEU B 232 14.77 8.33 -11.09
CA LEU B 232 15.83 7.51 -10.48
C LEU B 232 17.09 8.32 -10.27
N ASP B 233 17.48 9.12 -11.28
CA ASP B 233 18.76 9.83 -11.19
C ASP B 233 18.63 11.24 -10.61
N ASP B 234 17.37 11.69 -10.39
CA ASP B 234 17.09 13.08 -10.01
C ASP B 234 17.66 14.03 -11.06
N ASP B 235 17.60 13.62 -12.33
CA ASP B 235 18.23 14.38 -13.37
C ASP B 235 17.22 15.37 -13.97
N THR B 236 17.26 16.59 -13.45
CA THR B 236 16.31 17.64 -13.81
C THR B 236 16.55 18.13 -15.24
N ARG B 237 17.66 17.71 -15.90
CA ARG B 237 17.84 18.11 -17.30
C ARG B 237 16.75 17.45 -18.16
N TYR B 238 16.03 16.47 -17.61
CA TYR B 238 15.01 15.75 -18.37
C TYR B 238 13.61 16.28 -18.03
N ASP B 239 13.50 17.20 -17.08
CA ASP B 239 12.18 17.78 -16.80
C ASP B 239 11.53 18.36 -18.05
N ARG B 240 12.31 18.92 -19.00
CA ARG B 240 11.77 19.59 -20.17
C ARG B 240 10.92 18.64 -21.02
N PHE B 241 11.17 17.33 -20.94
CA PHE B 241 10.45 16.38 -21.75
C PHE B 241 9.09 16.08 -21.13
N LEU B 242 8.98 16.30 -19.81
CA LEU B 242 7.81 15.86 -19.06
C LEU B 242 6.85 17.01 -18.78
N CYS B 243 7.41 18.19 -18.61
CA CYS B 243 6.59 19.32 -18.16
C CYS B 243 7.05 20.57 -18.89
N PRO B 244 6.12 21.38 -19.46
CA PRO B 244 4.69 21.07 -19.46
C PRO B 244 4.40 19.82 -20.27
N PRO B 245 3.19 19.23 -20.12
CA PRO B 245 2.88 17.99 -20.82
C PRO B 245 3.00 18.12 -22.34
N PRO B 246 3.27 16.99 -23.04
CA PRO B 246 3.42 17.04 -24.48
C PRO B 246 2.12 17.43 -25.14
N ARG B 247 2.26 18.09 -26.27
CA ARG B 247 1.16 18.51 -27.11
C ARG B 247 1.54 18.21 -28.55
N ASN B 248 0.50 18.06 -29.34
CA ASN B 248 0.66 18.01 -30.79
C ASN B 248 1.41 16.74 -31.19
N ASN B 249 1.14 15.63 -30.48
CA ASN B 249 1.82 14.38 -30.76
C ASN B 249 0.76 13.37 -31.20
N LYS B 250 0.81 13.01 -32.49
CA LYS B 250 -0.13 12.06 -33.07
C LYS B 250 -0.09 10.69 -32.42
N SER B 251 1.05 10.37 -31.77
CA SER B 251 1.15 9.08 -31.10
C SER B 251 0.44 9.06 -29.75
N ILE B 252 0.04 10.24 -29.25
CA ILE B 252 -0.47 10.32 -27.88
C ILE B 252 -1.91 10.80 -27.95
N SER B 253 -2.86 9.92 -27.55
CA SER B 253 -4.27 10.32 -27.59
C SER B 253 -4.71 11.02 -26.31
N ASP B 254 -3.98 10.84 -25.21
CA ASP B 254 -4.36 11.52 -23.97
C ASP B 254 -3.12 11.63 -23.12
N TYR B 255 -3.05 12.66 -22.30
CA TYR B 255 -1.94 12.81 -21.38
C TYR B 255 -2.46 13.56 -20.15
N ARG B 256 -2.06 13.10 -18.96
CA ARG B 256 -2.43 13.79 -17.73
C ARG B 256 -1.16 13.86 -16.88
N SER B 257 -1.03 14.90 -16.06
CA SER B 257 0.20 15.02 -15.26
C SER B 257 -0.08 15.83 -14.00
N THR B 258 0.85 15.74 -13.06
CA THR B 258 0.91 16.69 -11.96
C THR B 258 2.13 17.62 -12.07
N CYS B 259 2.46 17.99 -13.31
CA CYS B 259 3.51 18.97 -13.57
C CYS B 259 3.19 20.25 -12.80
N PRO B 260 4.18 21.06 -12.38
CA PRO B 260 5.58 20.65 -12.46
C PRO B 260 5.98 19.74 -11.31
N TYR B 261 7.04 18.96 -11.57
CA TYR B 261 7.52 18.04 -10.55
C TYR B 261 8.68 18.70 -9.81
N LYS B 262 8.43 19.02 -8.56
CA LYS B 262 9.43 19.78 -7.82
C LYS B 262 10.27 18.82 -7.00
N GLU B 263 11.59 19.10 -6.92
CA GLU B 263 12.47 18.40 -6.01
C GLU B 263 12.07 18.86 -4.60
N HIS B 264 11.97 17.90 -3.65
CA HIS B 264 11.54 18.23 -2.30
C HIS B 264 12.49 17.62 -1.27
#